data_3ND1
#
_entry.id   3ND1
#
_cell.length_a   61.661
_cell.length_b   89.283
_cell.length_c   107.163
_cell.angle_alpha   90.00
_cell.angle_beta   90.00
_cell.angle_gamma   90.00
#
_symmetry.space_group_name_H-M   'P 21 21 21'
#
loop_
_entity.id
_entity.type
_entity.pdbx_description
1 polymer 'Precorrin-6A synthase/CobF protein'
2 non-polymer S-ADENOSYL-L-HOMOCYSTEINE
3 non-polymer 'ACETATE ION'
4 water water
#
_entity_poly.entity_id   1
_entity_poly.type   'polypeptide(L)'
_entity_poly.pdbx_seq_one_letter_code
;MGSSHHHHHHSSGLVPRGSHMIELSLIGIGTGNPRHITGQAVDAMNAADLILIPLKGADKSDLAGLRRQICAAHLTNPAT
KVIDFALPVRDASNPSYRKGVDDWHDAIAETWLSEITAHVPGLEGRVALLVWGDPSLYDSTLRIAERLKSRLPLTTKVIP
GITAIQALCAAHAIPLNDIGAPVVITTGRQLRDHGWPAGTETVVAMLDGECSFQSLPPDGLTIFWGACVAMPEEVLIRGP
VAEVTDEILQARADLRARHGWVMDIYLLRRNVPAA
;
_entity_poly.pdbx_strand_id   A,B
#
loop_
_chem_comp.id
_chem_comp.type
_chem_comp.name
_chem_comp.formula
ACT non-polymer 'ACETATE ION' 'C2 H3 O2 -1'
#
# COMPACT_ATOMS: atom_id res chain seq x y z
N HIS A 20 -18.40 -24.54 -11.72
CA HIS A 20 -18.40 -25.67 -10.72
C HIS A 20 -17.37 -25.42 -9.62
N MET A 21 -17.27 -24.15 -9.21
CA MET A 21 -16.27 -23.68 -8.26
C MET A 21 -16.89 -22.62 -7.37
N ILE A 22 -16.39 -22.52 -6.15
CA ILE A 22 -16.56 -21.31 -5.34
C ILE A 22 -15.34 -20.44 -5.59
N GLU A 23 -15.56 -19.24 -6.11
CA GLU A 23 -14.51 -18.24 -6.20
C GLU A 23 -14.62 -17.34 -4.99
N LEU A 24 -13.60 -17.38 -4.14
CA LEU A 24 -13.57 -16.59 -2.92
C LEU A 24 -12.63 -15.40 -3.10
N SER A 25 -13.18 -14.19 -3.03
CA SER A 25 -12.38 -12.98 -3.13
C SER A 25 -12.17 -12.38 -1.76
N LEU A 26 -10.91 -12.11 -1.43
CA LEU A 26 -10.55 -11.41 -0.21
C LEU A 26 -10.33 -9.96 -0.63
N ILE A 27 -11.29 -9.12 -0.27
CA ILE A 27 -11.30 -7.73 -0.77
C ILE A 27 -10.79 -6.77 0.29
N GLY A 28 -9.62 -6.19 0.04
CA GLY A 28 -9.12 -5.11 0.90
C GLY A 28 -10.06 -3.91 0.83
N ILE A 29 -10.38 -3.33 1.98
CA ILE A 29 -11.30 -2.19 2.03
C ILE A 29 -10.72 -0.91 2.61
N GLY A 30 -9.41 -0.89 2.88
CA GLY A 30 -8.77 0.34 3.35
C GLY A 30 -8.83 0.48 4.84
N THR A 31 -8.48 1.68 5.33
CA THR A 31 -8.22 1.82 6.77
C THR A 31 -9.35 2.50 7.57
N GLY A 32 -10.53 2.62 6.97
CA GLY A 32 -11.68 3.18 7.67
C GLY A 32 -12.37 4.29 6.90
N ASN A 33 -11.66 4.92 5.97
CA ASN A 33 -12.25 5.91 5.08
C ASN A 33 -13.01 5.20 3.96
N PRO A 34 -14.33 5.44 3.83
CA PRO A 34 -15.05 4.74 2.75
C PRO A 34 -14.51 5.05 1.36
N ARG A 35 -13.83 6.18 1.22
CA ARG A 35 -13.26 6.57 -0.06
C ARG A 35 -11.94 5.84 -0.38
N HIS A 36 -11.44 5.01 0.54
CA HIS A 36 -10.26 4.20 0.25
C HIS A 36 -10.56 3.07 -0.75
N ILE A 37 -11.82 2.72 -0.90
CA ILE A 37 -12.21 1.61 -1.78
C ILE A 37 -11.77 1.87 -3.22
N THR A 38 -11.13 0.87 -3.83
CA THR A 38 -10.70 0.97 -5.21
C THR A 38 -11.82 0.53 -6.15
N GLY A 39 -11.71 0.92 -7.42
CA GLY A 39 -12.65 0.43 -8.43
C GLY A 39 -12.64 -1.08 -8.52
N GLN A 40 -11.45 -1.69 -8.36
CA GLN A 40 -11.33 -3.13 -8.42
C GLN A 40 -12.13 -3.81 -7.30
N ALA A 41 -12.10 -3.20 -6.11
CA ALA A 41 -12.88 -3.69 -4.97
C ALA A 41 -14.37 -3.57 -5.23
N VAL A 42 -14.80 -2.43 -5.80
CA VAL A 42 -16.22 -2.24 -6.14
C VAL A 42 -16.67 -3.34 -7.10
N ASP A 43 -15.85 -3.60 -8.11
CA ASP A 43 -16.18 -4.61 -9.12
C ASP A 43 -16.32 -5.99 -8.47
N ALA A 44 -15.43 -6.33 -7.54
CA ALA A 44 -15.46 -7.63 -6.88
C ALA A 44 -16.67 -7.76 -5.94
N MET A 45 -17.06 -6.66 -5.30
CA MET A 45 -18.28 -6.67 -4.48
C MET A 45 -19.50 -6.93 -5.37
N ASN A 46 -19.58 -6.19 -6.48
CA ASN A 46 -20.73 -6.31 -7.38
C ASN A 46 -20.82 -7.65 -8.11
N ALA A 47 -19.69 -8.31 -8.28
CA ALA A 47 -19.67 -9.64 -8.88
C ALA A 47 -20.02 -10.75 -7.90
N ALA A 48 -20.00 -10.45 -6.60
CA ALA A 48 -20.24 -11.48 -5.59
C ALA A 48 -21.72 -11.88 -5.51
N ASP A 49 -21.96 -13.18 -5.35
CA ASP A 49 -23.28 -13.66 -4.99
C ASP A 49 -23.51 -13.48 -3.50
N LEU A 50 -22.45 -13.61 -2.72
CA LEU A 50 -22.52 -13.62 -1.27
C LEU A 50 -21.36 -12.81 -0.70
N ILE A 51 -21.62 -11.90 0.22
CA ILE A 51 -20.57 -11.20 0.96
C ILE A 51 -20.77 -11.50 2.44
N LEU A 52 -19.78 -12.13 3.06
CA LEU A 52 -19.88 -12.53 4.47
C LEU A 52 -19.21 -11.48 5.33
N ILE A 53 -19.96 -10.90 6.27
CA ILE A 53 -19.36 -9.92 7.18
C ILE A 53 -19.65 -10.25 8.64
N PRO A 54 -18.65 -10.11 9.51
CA PRO A 54 -18.86 -10.48 10.91
C PRO A 54 -19.77 -9.51 11.66
N LEU A 55 -20.57 -10.05 12.58
CA LEU A 55 -21.31 -9.24 13.54
C LEU A 55 -20.34 -8.59 14.53
N LYS A 56 -20.79 -7.49 15.14
CA LYS A 56 -20.06 -6.87 16.25
C LYS A 56 -19.83 -7.88 17.37
N GLY A 57 -18.64 -7.81 17.98
CA GLY A 57 -18.32 -8.62 19.14
C GLY A 57 -17.77 -7.78 20.27
N ALA A 58 -17.06 -8.42 21.19
CA ALA A 58 -16.39 -7.74 22.31
C ALA A 58 -15.30 -6.79 21.81
N ASP A 59 -14.59 -7.20 20.76
CA ASP A 59 -13.53 -6.40 20.15
C ASP A 59 -14.13 -5.26 19.30
N LYS A 60 -14.25 -4.09 19.91
CA LYS A 60 -14.83 -2.92 19.25
C LYS A 60 -13.97 -2.36 18.10
N SER A 61 -12.69 -2.73 18.09
CA SER A 61 -11.75 -2.26 17.07
C SER A 61 -12.01 -2.83 15.68
N ASP A 62 -12.79 -3.91 15.59
CA ASP A 62 -13.16 -4.49 14.29
C ASP A 62 -14.10 -3.58 13.50
N LEU A 63 -14.74 -2.63 14.17
CA LEU A 63 -15.67 -1.70 13.55
C LEU A 63 -16.58 -2.43 12.56
N ALA A 64 -17.27 -3.44 13.07
CA ALA A 64 -18.11 -4.31 12.25
C ALA A 64 -19.19 -3.52 11.52
N GLY A 65 -19.75 -2.51 12.19
CA GLY A 65 -20.76 -1.64 11.60
C GLY A 65 -20.19 -0.81 10.47
N LEU A 66 -18.96 -0.32 10.65
CA LEU A 66 -18.30 0.47 9.62
C LEU A 66 -18.05 -0.36 8.36
N ARG A 67 -17.64 -1.62 8.53
CA ARG A 67 -17.46 -2.51 7.38
C ARG A 67 -18.76 -2.62 6.58
N ARG A 68 -19.88 -2.83 7.29
CA ARG A 68 -21.18 -2.93 6.64
C ARG A 68 -21.53 -1.65 5.89
N GLN A 69 -21.24 -0.51 6.49
CA GLN A 69 -21.53 0.79 5.88
C GLN A 69 -20.67 1.05 4.65
N ILE A 70 -19.41 0.63 4.72
CA ILE A 70 -18.51 0.81 3.58
C ILE A 70 -19.00 -0.06 2.42
N CYS A 71 -19.45 -1.27 2.74
CA CYS A 71 -20.07 -2.12 1.74
C CYS A 71 -21.30 -1.43 1.12
N ALA A 72 -22.17 -0.90 1.98
CA ALA A 72 -23.41 -0.30 1.49
C ALA A 72 -23.14 0.91 0.60
N ALA A 73 -22.05 1.62 0.86
CA ALA A 73 -21.69 2.81 0.07
C ALA A 73 -21.25 2.52 -1.36
N HIS A 74 -20.88 1.26 -1.62
CA HIS A 74 -20.28 0.90 -2.90
C HIS A 74 -20.98 -0.21 -3.67
N LEU A 75 -21.58 -1.16 -2.95
CA LEU A 75 -22.28 -2.26 -3.59
C LEU A 75 -23.55 -1.76 -4.29
N THR A 76 -23.67 -2.04 -5.58
CA THR A 76 -24.86 -1.62 -6.33
C THR A 76 -25.67 -2.80 -6.90
N ASN A 77 -25.12 -4.01 -6.88
CA ASN A 77 -25.83 -5.18 -7.37
C ASN A 77 -26.93 -5.60 -6.38
N PRO A 78 -28.21 -5.49 -6.79
CA PRO A 78 -29.27 -5.80 -5.85
C PRO A 78 -29.41 -7.30 -5.54
N ALA A 79 -28.72 -8.16 -6.31
CA ALA A 79 -28.79 -9.60 -6.09
C ALA A 79 -27.67 -10.12 -5.19
N THR A 80 -26.71 -9.26 -4.88
CA THR A 80 -25.63 -9.63 -3.97
C THR A 80 -26.19 -9.66 -2.54
N LYS A 81 -25.94 -10.76 -1.84
CA LYS A 81 -26.49 -10.96 -0.50
C LYS A 81 -25.41 -10.79 0.55
N VAL A 82 -25.56 -9.73 1.35
CA VAL A 82 -24.65 -9.44 2.45
C VAL A 82 -25.20 -10.12 3.69
N ILE A 83 -24.45 -11.09 4.20
CA ILE A 83 -24.90 -11.92 5.31
C ILE A 83 -24.00 -11.70 6.51
N ASP A 84 -24.61 -11.30 7.61
CA ASP A 84 -23.90 -11.12 8.87
C ASP A 84 -23.78 -12.47 9.55
N PHE A 85 -22.57 -12.78 10.03
CA PHE A 85 -22.33 -14.05 10.70
C PHE A 85 -21.61 -13.83 12.04
N ALA A 86 -21.81 -14.76 12.97
CA ALA A 86 -21.13 -14.73 14.25
C ALA A 86 -19.71 -15.27 14.11
N LEU A 87 -18.74 -14.42 14.40
CA LEU A 87 -17.34 -14.79 14.32
C LEU A 87 -16.92 -15.49 15.61
N PRO A 88 -16.36 -16.72 15.49
CA PRO A 88 -15.85 -17.44 16.66
C PRO A 88 -14.75 -16.67 17.38
N VAL A 89 -14.66 -16.85 18.69
CA VAL A 89 -13.63 -16.20 19.49
C VAL A 89 -12.60 -17.21 20.03
N ARG A 90 -11.38 -16.73 20.26
CA ARG A 90 -10.30 -17.55 20.79
C ARG A 90 -10.54 -17.88 22.27
N GLY A 100 -4.24 -23.00 20.64
CA GLY A 100 -5.29 -22.05 20.96
C GLY A 100 -5.69 -21.22 19.74
N VAL A 101 -4.69 -20.58 19.14
CA VAL A 101 -4.88 -19.77 17.93
C VAL A 101 -5.20 -20.66 16.72
N ASP A 102 -4.58 -21.84 16.65
CA ASP A 102 -4.83 -22.81 15.59
C ASP A 102 -6.28 -23.31 15.59
N ASP A 103 -6.80 -23.58 16.78
CA ASP A 103 -8.18 -24.03 16.93
C ASP A 103 -9.16 -22.91 16.56
N TRP A 104 -8.81 -21.69 16.93
CA TRP A 104 -9.62 -20.51 16.64
C TRP A 104 -9.72 -20.30 15.12
N HIS A 105 -8.57 -20.39 14.45
CA HIS A 105 -8.50 -20.25 12.99
C HIS A 105 -9.24 -21.38 12.28
N ASP A 106 -9.13 -22.59 12.81
CA ASP A 106 -9.93 -23.72 12.32
C ASP A 106 -11.42 -23.45 12.46
N ALA A 107 -11.83 -22.93 13.63
CA ALA A 107 -13.23 -22.60 13.91
C ALA A 107 -13.77 -21.52 12.96
N ILE A 108 -12.94 -20.51 12.69
CA ILE A 108 -13.31 -19.45 11.75
C ILE A 108 -13.54 -20.05 10.36
N ALA A 109 -12.60 -20.88 9.89
CA ALA A 109 -12.73 -21.57 8.61
C ALA A 109 -14.03 -22.39 8.53
N GLU A 110 -14.32 -23.14 9.61
CA GLU A 110 -15.55 -23.92 9.69
C GLU A 110 -16.80 -23.04 9.60
N THR A 111 -16.75 -21.86 10.21
CA THR A 111 -17.87 -20.92 10.15
C THR A 111 -18.10 -20.41 8.72
N TRP A 112 -17.04 -19.97 8.05
CA TRP A 112 -17.17 -19.57 6.65
C TRP A 112 -17.70 -20.71 5.80
N LEU A 113 -17.18 -21.93 6.01
CA LEU A 113 -17.62 -23.08 5.23
C LEU A 113 -19.11 -23.36 5.42
N SER A 114 -19.56 -23.29 6.69
CA SER A 114 -20.98 -23.48 7.02
C SER A 114 -21.86 -22.43 6.34
N GLU A 115 -21.40 -21.19 6.31
CA GLU A 115 -22.15 -20.11 5.67
C GLU A 115 -22.20 -20.28 4.16
N ILE A 116 -21.08 -20.70 3.58
CA ILE A 116 -21.02 -20.96 2.13
C ILE A 116 -21.93 -22.14 1.77
N THR A 117 -21.88 -23.20 2.58
CA THR A 117 -22.74 -24.37 2.39
C THR A 117 -24.22 -23.98 2.44
N ALA A 118 -24.56 -23.15 3.42
CA ALA A 118 -25.95 -22.74 3.66
C ALA A 118 -26.51 -21.83 2.57
N HIS A 119 -25.68 -20.90 2.08
CA HIS A 119 -26.14 -19.86 1.17
C HIS A 119 -25.80 -20.12 -0.30
N VAL A 120 -24.80 -20.98 -0.52
CA VAL A 120 -24.45 -21.43 -1.88
C VAL A 120 -24.35 -22.97 -1.87
N PRO A 121 -25.47 -23.66 -1.58
CA PRO A 121 -25.43 -25.13 -1.42
C PRO A 121 -25.02 -25.89 -2.68
N GLY A 122 -25.28 -25.31 -3.85
CA GLY A 122 -24.82 -25.87 -5.12
C GLY A 122 -23.32 -25.81 -5.30
N LEU A 123 -22.65 -25.05 -4.43
CA LEU A 123 -21.19 -24.89 -4.43
C LEU A 123 -20.63 -24.35 -5.75
N GLU A 124 -21.40 -23.47 -6.38
CA GLU A 124 -20.97 -22.77 -7.58
C GLU A 124 -21.39 -21.32 -7.43
N GLY A 125 -20.42 -20.43 -7.27
CA GLY A 125 -20.73 -19.03 -7.06
C GLY A 125 -19.53 -18.22 -6.63
N ARG A 126 -19.78 -16.95 -6.37
CA ARG A 126 -18.74 -16.00 -6.00
C ARG A 126 -19.04 -15.49 -4.61
N VAL A 127 -18.06 -15.62 -3.71
CA VAL A 127 -18.19 -15.24 -2.31
C VAL A 127 -17.08 -14.25 -1.99
N ALA A 128 -17.38 -13.25 -1.16
CA ALA A 128 -16.36 -12.29 -0.75
C ALA A 128 -16.30 -12.10 0.74
N LEU A 129 -15.08 -11.84 1.22
CA LEU A 129 -14.85 -11.35 2.57
C LEU A 129 -14.25 -9.95 2.44
N LEU A 130 -14.60 -9.06 3.36
CA LEU A 130 -14.10 -7.68 3.33
C LEU A 130 -13.05 -7.51 4.41
N VAL A 131 -11.81 -7.30 3.97
CA VAL A 131 -10.65 -7.34 4.85
C VAL A 131 -10.12 -5.92 5.07
N TRP A 132 -9.99 -5.49 6.32
CA TRP A 132 -9.48 -4.15 6.59
C TRP A 132 -8.07 -3.97 6.02
N GLY A 133 -7.83 -2.79 5.44
CA GLY A 133 -6.53 -2.46 4.85
C GLY A 133 -6.29 -3.25 3.59
N ASP A 134 -5.14 -3.94 3.54
CA ASP A 134 -4.83 -4.87 2.46
C ASP A 134 -4.73 -6.28 3.05
N PRO A 135 -5.23 -7.29 2.31
CA PRO A 135 -5.22 -8.66 2.87
C PRO A 135 -3.85 -9.26 3.09
N SER A 136 -2.82 -8.67 2.49
CA SER A 136 -1.46 -9.19 2.60
C SER A 136 -0.78 -8.84 3.91
N LEU A 137 -1.30 -7.83 4.63
CA LEU A 137 -0.54 -7.19 5.69
C LEU A 137 -1.08 -7.48 7.09
N TYR A 138 -0.37 -8.30 7.85
CA TYR A 138 -0.73 -8.65 9.24
C TYR A 138 -2.24 -8.94 9.41
N ASP A 139 -2.76 -9.78 8.52
CA ASP A 139 -4.14 -10.18 8.58
C ASP A 139 -4.25 -11.68 8.33
N SER A 140 -5.03 -12.36 9.16
CA SER A 140 -5.08 -13.82 9.14
C SER A 140 -6.00 -14.42 8.08
N THR A 141 -6.81 -13.60 7.42
CA THR A 141 -7.87 -14.11 6.53
C THR A 141 -7.35 -15.01 5.43
N LEU A 142 -6.29 -14.57 4.76
CA LEU A 142 -5.72 -15.30 3.64
C LEU A 142 -5.26 -16.71 4.06
N ARG A 143 -4.55 -16.79 5.18
CA ARG A 143 -4.06 -18.08 5.68
C ARG A 143 -5.19 -18.98 6.21
N ILE A 144 -6.20 -18.40 6.83
CA ILE A 144 -7.38 -19.17 7.27
C ILE A 144 -8.13 -19.73 6.05
N ALA A 145 -8.28 -18.93 5.02
CA ALA A 145 -8.95 -19.36 3.78
C ALA A 145 -8.26 -20.53 3.08
N GLU A 146 -6.94 -20.66 3.27
CA GLU A 146 -6.19 -21.80 2.73
C GLU A 146 -6.76 -23.12 3.23
N ARG A 147 -7.27 -23.14 4.46
CA ARG A 147 -7.85 -24.35 5.05
C ARG A 147 -9.03 -24.88 4.23
N LEU A 148 -9.70 -23.99 3.51
CA LEU A 148 -10.91 -24.34 2.74
C LEU A 148 -10.63 -24.95 1.36
N LYS A 149 -9.38 -24.87 0.91
CA LYS A 149 -9.02 -25.40 -0.41
C LYS A 149 -9.32 -26.88 -0.57
N SER A 150 -9.12 -27.64 0.50
CA SER A 150 -9.31 -29.09 0.48
C SER A 150 -10.75 -29.50 0.75
N ARG A 151 -11.57 -28.53 1.17
CA ARG A 151 -12.94 -28.79 1.63
C ARG A 151 -13.99 -28.44 0.60
N LEU A 152 -13.62 -27.58 -0.35
CA LEU A 152 -14.52 -27.03 -1.35
C LEU A 152 -13.80 -27.03 -2.69
N PRO A 153 -14.56 -26.97 -3.80
CA PRO A 153 -13.92 -26.66 -5.07
C PRO A 153 -13.68 -25.15 -5.10
N LEU A 154 -12.45 -24.75 -4.80
CA LEU A 154 -12.14 -23.37 -4.43
C LEU A 154 -11.06 -22.71 -5.27
N THR A 155 -11.31 -21.46 -5.67
CA THR A 155 -10.30 -20.58 -6.24
C THR A 155 -10.32 -19.32 -5.37
N THR A 156 -9.14 -18.85 -4.97
CA THR A 156 -9.06 -17.69 -4.11
C THR A 156 -8.38 -16.55 -4.84
N LYS A 157 -9.00 -15.36 -4.78
CA LYS A 157 -8.43 -14.16 -5.38
C LYS A 157 -8.28 -13.08 -4.32
N VAL A 158 -7.31 -12.21 -4.51
CA VAL A 158 -7.07 -11.11 -3.56
C VAL A 158 -7.18 -9.78 -4.30
N ILE A 159 -7.93 -8.86 -3.71
CA ILE A 159 -8.04 -7.50 -4.25
C ILE A 159 -7.33 -6.53 -3.28
N PRO A 160 -6.30 -5.82 -3.74
CA PRO A 160 -5.56 -4.94 -2.83
C PRO A 160 -6.35 -3.76 -2.29
N GLY A 161 -5.95 -3.28 -1.13
CA GLY A 161 -6.56 -2.12 -0.49
C GLY A 161 -5.51 -1.24 0.15
N ILE A 162 -5.92 -0.04 0.57
CA ILE A 162 -4.99 0.90 1.19
C ILE A 162 -4.59 0.41 2.58
N THR A 163 -3.28 0.30 2.82
CA THR A 163 -2.78 -0.18 4.11
C THR A 163 -2.67 0.95 5.12
N ALA A 164 -2.58 0.59 6.39
CA ALA A 164 -2.41 1.59 7.44
C ALA A 164 -1.04 2.28 7.32
N ILE A 165 -0.05 1.59 6.73
CA ILE A 165 1.27 2.21 6.51
C ILE A 165 1.13 3.39 5.55
N GLN A 166 0.47 3.14 4.43
CA GLN A 166 0.27 4.20 3.44
C GLN A 166 -0.62 5.29 3.97
N ALA A 167 -1.66 4.93 4.72
CA ALA A 167 -2.53 5.94 5.28
C ALA A 167 -1.78 6.84 6.26
N LEU A 168 -0.89 6.25 7.06
CA LEU A 168 -0.12 7.04 8.03
C LEU A 168 0.82 8.01 7.30
N CYS A 169 1.58 7.49 6.34
CA CYS A 169 2.51 8.33 5.59
C CYS A 169 1.77 9.43 4.86
N ALA A 170 0.61 9.11 4.28
CA ALA A 170 -0.17 10.12 3.57
C ALA A 170 -0.66 11.21 4.51
N ALA A 171 -1.15 10.81 5.70
CA ALA A 171 -1.68 11.78 6.66
C ALA A 171 -0.60 12.76 7.11
N HIS A 172 0.62 12.26 7.27
CA HIS A 172 1.78 13.07 7.66
C HIS A 172 2.47 13.73 6.47
N ALA A 173 2.05 13.37 5.26
CA ALA A 173 2.70 13.80 4.01
C ALA A 173 4.21 13.56 4.03
N ILE A 174 4.59 12.32 4.33
CA ILE A 174 6.00 11.94 4.41
C ILE A 174 6.27 10.73 3.53
N PRO A 175 7.53 10.59 3.07
CA PRO A 175 7.95 9.36 2.40
C PRO A 175 8.03 8.18 3.38
N LEU A 176 7.82 6.97 2.88
CA LEU A 176 8.05 5.79 3.69
C LEU A 176 9.56 5.60 3.85
N ASN A 177 10.26 5.59 2.73
CA ASN A 177 11.70 5.35 2.72
C ASN A 177 12.52 6.62 2.69
N ASP A 178 13.74 6.52 3.19
CA ASP A 178 14.80 7.48 2.84
C ASP A 178 15.28 7.13 1.44
N ILE A 179 15.85 8.11 0.72
CA ILE A 179 16.26 7.91 -0.67
C ILE A 179 17.10 6.64 -0.83
N GLY A 180 16.61 5.73 -1.66
CA GLY A 180 17.32 4.50 -2.02
C GLY A 180 17.59 3.52 -0.89
N ALA A 181 16.89 3.69 0.22
CA ALA A 181 17.20 3.00 1.47
C ALA A 181 16.18 1.89 1.82
N PRO A 182 16.61 0.89 2.59
CA PRO A 182 15.66 -0.11 3.07
C PRO A 182 14.72 0.43 4.15
N VAL A 183 13.60 -0.26 4.32
CA VAL A 183 12.61 0.03 5.35
C VAL A 183 12.25 -1.29 6.04
N VAL A 184 12.10 -1.27 7.36
CA VAL A 184 11.60 -2.44 8.08
C VAL A 184 10.17 -2.19 8.52
N ILE A 185 9.30 -3.14 8.20
CA ILE A 185 7.95 -3.20 8.74
C ILE A 185 7.98 -4.29 9.80
N THR A 186 7.46 -4.00 10.99
CA THR A 186 7.53 -4.96 12.07
C THR A 186 6.36 -4.80 13.03
N THR A 187 6.36 -5.60 14.10
CA THR A 187 5.33 -5.54 15.13
C THR A 187 5.87 -4.95 16.41
N GLY A 188 4.96 -4.51 17.28
CA GLY A 188 5.32 -4.04 18.63
C GLY A 188 6.15 -5.06 19.38
N ARG A 189 5.73 -6.31 19.35
CA ARG A 189 6.46 -7.36 20.08
C ARG A 189 7.86 -7.61 19.53
N GLN A 190 8.01 -7.62 18.21
CA GLN A 190 9.35 -7.80 17.62
C GLN A 190 10.28 -6.66 17.98
N LEU A 191 9.72 -5.45 18.06
CA LEU A 191 10.49 -4.27 18.46
C LEU A 191 10.95 -4.38 19.91
N ARG A 192 10.05 -4.82 20.79
CA ARG A 192 10.41 -5.05 22.18
C ARG A 192 11.44 -6.16 22.33
N ASP A 193 11.29 -7.24 21.56
CA ASP A 193 12.13 -8.42 21.76
C ASP A 193 13.54 -8.26 21.23
N HIS A 194 13.72 -7.42 20.22
CA HIS A 194 15.01 -7.34 19.54
C HIS A 194 15.63 -5.95 19.44
N GLY A 195 14.85 -4.92 19.79
CA GLY A 195 15.34 -3.55 19.72
C GLY A 195 15.33 -3.01 18.31
N TRP A 196 16.12 -1.95 18.08
CA TRP A 196 16.17 -1.31 16.78
C TRP A 196 16.59 -2.33 15.72
N PRO A 197 15.76 -2.52 14.69
CA PRO A 197 16.07 -3.52 13.68
C PRO A 197 17.35 -3.16 12.93
N ALA A 198 18.21 -4.16 12.76
CA ALA A 198 19.47 -3.96 12.04
C ALA A 198 19.21 -3.65 10.56
N GLY A 199 20.14 -2.89 9.99
CA GLY A 199 20.16 -2.64 8.56
C GLY A 199 19.16 -1.61 8.06
N THR A 200 18.65 -0.77 8.96
CA THR A 200 17.69 0.24 8.54
C THR A 200 17.78 1.49 9.41
N GLU A 201 17.36 2.61 8.84
CA GLU A 201 17.17 3.84 9.62
C GLU A 201 15.69 4.23 9.68
N THR A 202 14.83 3.36 9.15
CA THR A 202 13.38 3.56 9.17
C THR A 202 12.66 2.28 9.59
N VAL A 203 11.78 2.41 10.57
CA VAL A 203 10.94 1.30 11.01
C VAL A 203 9.50 1.76 11.12
N VAL A 204 8.58 0.95 10.60
CA VAL A 204 7.15 1.15 10.85
C VAL A 204 6.66 -0.02 11.70
N ALA A 205 6.00 0.29 12.82
CA ALA A 205 5.53 -0.75 13.74
C ALA A 205 4.02 -0.84 13.76
N MET A 206 3.54 -2.07 13.57
CA MET A 206 2.12 -2.40 13.57
C MET A 206 1.82 -3.39 14.68
N LEU A 207 0.53 -3.60 14.95
CA LEU A 207 0.11 -4.58 15.97
C LEU A 207 0.72 -4.26 17.33
N ASP A 208 0.85 -2.98 17.62
CA ASP A 208 1.43 -2.54 18.87
C ASP A 208 0.34 -1.94 19.76
N GLY A 209 0.05 -2.61 20.87
CA GLY A 209 -0.96 -2.14 21.79
C GLY A 209 -0.43 -1.23 22.89
N GLU A 210 0.87 -0.94 22.86
CA GLU A 210 1.47 -0.25 24.03
C GLU A 210 2.67 0.66 23.75
N CYS A 211 2.70 1.29 22.58
CA CYS A 211 3.72 2.33 22.32
C CYS A 211 5.10 1.77 22.61
N SER A 212 5.43 0.69 21.92
CA SER A 212 6.67 -0.06 22.15
C SER A 212 7.92 0.69 21.76
N PHE A 213 7.76 1.83 21.07
CA PHE A 213 8.89 2.72 20.79
C PHE A 213 9.55 3.24 22.08
N GLN A 214 8.82 3.14 23.20
CA GLN A 214 9.37 3.46 24.51
C GLN A 214 10.52 2.54 24.93
N SER A 215 10.63 1.38 24.27
CA SER A 215 11.64 0.38 24.63
C SER A 215 13.01 0.66 24.01
N LEU A 216 13.08 1.74 23.22
CA LEU A 216 14.29 2.13 22.52
C LEU A 216 14.94 3.33 23.18
N PRO A 217 16.28 3.45 23.08
CA PRO A 217 16.88 4.71 23.48
C PRO A 217 16.38 5.79 22.50
N PRO A 218 15.86 6.92 23.03
CA PRO A 218 15.21 7.89 22.15
C PRO A 218 16.16 8.76 21.34
N ASP A 219 17.45 8.77 21.70
CA ASP A 219 18.40 9.65 21.04
C ASP A 219 18.42 9.45 19.53
N GLY A 220 18.22 10.55 18.81
CA GLY A 220 18.28 10.54 17.35
C GLY A 220 17.07 9.96 16.65
N LEU A 221 16.03 9.62 17.41
CA LEU A 221 14.80 9.08 16.82
C LEU A 221 13.72 10.15 16.69
N THR A 222 13.09 10.18 15.53
CA THR A 222 11.91 11.00 15.31
C THR A 222 10.76 10.05 15.03
N ILE A 223 9.60 10.38 15.57
CA ILE A 223 8.40 9.56 15.39
C ILE A 223 7.31 10.32 14.65
N PHE A 224 6.63 9.60 13.77
CA PHE A 224 5.42 10.08 13.13
C PHE A 224 4.34 9.06 13.50
N TRP A 225 3.47 9.47 14.42
CA TRP A 225 2.47 8.60 15.03
C TRP A 225 1.08 8.97 14.58
N GLY A 226 0.20 7.99 14.48
CA GLY A 226 -1.19 8.25 14.17
C GLY A 226 -2.10 7.21 14.76
N ALA A 227 -3.21 7.67 15.34
CA ALA A 227 -4.28 6.79 15.81
C ALA A 227 -5.54 7.02 15.00
N CYS A 228 -6.25 5.94 14.69
CA CYS A 228 -7.51 6.03 13.95
C CYS A 228 -7.32 6.83 12.67
N VAL A 229 -6.23 6.52 11.98
CA VAL A 229 -5.84 7.21 10.76
C VAL A 229 -6.91 7.05 9.68
N ALA A 230 -7.21 8.16 9.00
CA ALA A 230 -8.20 8.24 7.91
C ALA A 230 -9.65 8.10 8.39
N MET A 231 -9.84 8.17 9.71
CA MET A 231 -11.18 8.19 10.27
C MET A 231 -11.42 9.53 10.96
N PRO A 232 -12.69 9.84 11.26
CA PRO A 232 -12.95 11.15 11.87
C PRO A 232 -12.20 11.42 13.17
N GLU A 233 -11.88 10.35 13.90
CA GLU A 233 -11.18 10.42 15.21
C GLU A 233 -9.66 10.60 15.08
N GLU A 234 -9.16 10.71 13.86
CA GLU A 234 -7.70 10.75 13.59
C GLU A 234 -6.93 11.72 14.48
N VAL A 235 -5.85 11.22 15.09
CA VAL A 235 -4.90 12.06 15.82
C VAL A 235 -3.52 11.78 15.26
N LEU A 236 -2.83 12.85 14.87
CA LEU A 236 -1.44 12.76 14.39
C LEU A 236 -0.51 13.53 15.31
N ILE A 237 0.62 12.91 15.64
CA ILE A 237 1.67 13.55 16.44
C ILE A 237 3.02 13.22 15.82
N ARG A 238 3.90 14.20 15.76
CA ARG A 238 5.26 13.99 15.26
C ARG A 238 6.28 14.74 16.11
N GLY A 239 7.51 14.25 16.09
CA GLY A 239 8.61 14.95 16.73
C GLY A 239 9.68 14.03 17.27
N PRO A 240 10.72 14.60 17.87
CA PRO A 240 11.73 13.80 18.55
C PRO A 240 11.05 12.91 19.60
N VAL A 241 11.43 11.63 19.64
CA VAL A 241 10.76 10.69 20.53
C VAL A 241 10.77 11.15 21.99
N ALA A 242 11.90 11.67 22.46
CA ALA A 242 11.99 12.13 23.85
C ALA A 242 10.99 13.26 24.13
N GLU A 243 10.72 14.09 23.13
CA GLU A 243 9.87 15.26 23.30
C GLU A 243 8.39 14.90 23.31
N VAL A 244 7.99 13.93 22.49
CA VAL A 244 6.56 13.68 22.28
C VAL A 244 6.01 12.35 22.82
N THR A 245 6.87 11.56 23.45
CA THR A 245 6.43 10.28 24.04
C THR A 245 5.20 10.45 24.93
N ASP A 246 5.25 11.36 25.89
CA ASP A 246 4.13 11.47 26.81
C ASP A 246 2.88 12.03 26.14
N GLU A 247 3.06 12.94 25.19
CA GLU A 247 1.94 13.46 24.41
C GLU A 247 1.18 12.31 23.73
N ILE A 248 1.94 11.40 23.12
CA ILE A 248 1.38 10.24 22.45
C ILE A 248 0.67 9.32 23.45
N LEU A 249 1.33 9.02 24.58
CA LEU A 249 0.71 8.15 25.57
C LEU A 249 -0.65 8.66 26.01
N GLN A 250 -0.73 9.97 26.29
CA GLN A 250 -1.97 10.57 26.75
C GLN A 250 -3.05 10.62 25.66
N ALA A 251 -2.64 10.98 24.44
CA ALA A 251 -3.60 11.06 23.33
C ALA A 251 -4.21 9.68 23.05
N ARG A 252 -3.35 8.66 23.08
CA ARG A 252 -3.77 7.28 22.86
C ARG A 252 -4.76 6.85 23.96
N ALA A 253 -4.40 7.12 25.21
CA ALA A 253 -5.22 6.70 26.34
C ALA A 253 -6.58 7.40 26.31
N ASP A 254 -6.58 8.67 25.91
CA ASP A 254 -7.81 9.46 25.79
C ASP A 254 -8.76 8.91 24.73
N LEU A 255 -8.24 8.56 23.56
CA LEU A 255 -9.05 7.90 22.54
C LEU A 255 -9.64 6.60 23.05
N ARG A 256 -8.81 5.81 23.73
CA ARG A 256 -9.24 4.50 24.20
C ARG A 256 -10.32 4.61 25.27
N ALA A 257 -10.19 5.61 26.15
CA ALA A 257 -11.18 5.83 27.21
C ALA A 257 -12.52 6.30 26.66
N ARG A 258 -12.47 7.20 25.67
CA ARG A 258 -13.69 7.79 25.13
C ARG A 258 -14.43 6.89 24.14
N HIS A 259 -13.70 6.03 23.44
CA HIS A 259 -14.30 5.17 22.42
C HIS A 259 -14.37 3.67 22.79
N GLY A 260 -13.57 3.26 23.77
CA GLY A 260 -13.53 1.87 24.22
C GLY A 260 -12.47 1.03 23.52
N TRP A 261 -11.87 1.60 22.47
CA TRP A 261 -10.86 0.94 21.65
C TRP A 261 -9.97 2.01 21.02
N VAL A 262 -8.79 1.60 20.53
CA VAL A 262 -7.92 2.48 19.74
C VAL A 262 -7.00 1.61 18.86
N MET A 263 -6.64 2.11 17.68
CA MET A 263 -5.64 1.46 16.84
C MET A 263 -4.66 2.52 16.42
N ASP A 264 -3.38 2.23 16.58
CA ASP A 264 -2.35 3.19 16.20
C ASP A 264 -1.23 2.54 15.43
N ILE A 265 -0.46 3.38 14.75
CA ILE A 265 0.64 2.93 13.93
C ILE A 265 1.64 4.08 13.94
N TYR A 266 2.91 3.75 13.80
CA TYR A 266 3.90 4.82 13.77
C TYR A 266 5.13 4.46 12.96
N LEU A 267 5.79 5.50 12.47
CA LEU A 267 7.05 5.39 11.76
C LEU A 267 8.14 6.05 12.60
N LEU A 268 9.26 5.35 12.73
CA LEU A 268 10.44 5.87 13.42
C LEU A 268 11.55 6.10 12.41
N ARG A 269 12.15 7.29 12.47
CA ARG A 269 13.25 7.68 11.61
C ARG A 269 14.46 7.94 12.49
N ARG A 270 15.56 7.24 12.22
CA ARG A 270 16.79 7.44 12.97
C ARG A 270 17.78 8.31 12.19
N ASN A 271 18.39 9.25 12.92
CA ASN A 271 19.48 10.06 12.41
C ASN A 271 20.59 10.10 13.46
N VAL A 272 21.58 9.20 13.31
CA VAL A 272 22.65 9.05 14.29
C VAL A 272 24.02 8.97 13.61
N HIS B 20 -2.96 34.21 0.10
CA HIS B 20 -3.20 33.11 -0.88
C HIS B 20 -2.45 31.83 -0.54
N MET B 21 -2.97 30.71 -1.01
CA MET B 21 -2.47 29.39 -0.67
C MET B 21 -2.75 28.43 -1.82
N ILE B 22 -1.71 27.73 -2.27
CA ILE B 22 -1.87 26.62 -3.21
C ILE B 22 -1.93 25.33 -2.41
N GLU B 23 -2.98 24.56 -2.62
CA GLU B 23 -3.04 23.20 -2.08
C GLU B 23 -2.60 22.23 -3.16
N LEU B 24 -1.45 21.61 -2.95
CA LEU B 24 -0.89 20.66 -3.91
C LEU B 24 -1.14 19.23 -3.43
N SER B 25 -1.96 18.51 -4.18
CA SER B 25 -2.28 17.12 -3.86
C SER B 25 -1.46 16.17 -4.71
N LEU B 26 -0.73 15.28 -4.05
CA LEU B 26 -0.02 14.21 -4.74
C LEU B 26 -0.87 12.95 -4.67
N ILE B 27 -1.44 12.59 -5.83
CA ILE B 27 -2.49 11.58 -5.87
C ILE B 27 -1.95 10.26 -6.38
N GLY B 28 -1.87 9.25 -5.51
CA GLY B 28 -1.50 7.91 -5.95
C GLY B 28 -2.56 7.35 -6.88
N ILE B 29 -2.13 6.70 -7.96
CA ILE B 29 -3.09 6.16 -8.94
C ILE B 29 -2.94 4.65 -9.19
N GLY B 30 -2.12 3.98 -8.39
CA GLY B 30 -2.02 2.52 -8.48
C GLY B 30 -0.96 2.05 -9.46
N THR B 31 -0.94 0.75 -9.75
CA THR B 31 0.21 0.16 -10.45
C THR B 31 0.03 -0.14 -11.94
N GLY B 32 -0.97 0.45 -12.56
CA GLY B 32 -1.22 0.25 -13.98
C GLY B 32 -2.60 -0.28 -14.30
N ASN B 33 -3.23 -0.93 -13.32
CA ASN B 33 -4.63 -1.33 -13.47
C ASN B 33 -5.49 -0.08 -13.30
N PRO B 34 -6.25 0.29 -14.34
CA PRO B 34 -7.03 1.52 -14.18
C PRO B 34 -8.05 1.44 -13.04
N ARG B 35 -8.44 0.22 -12.67
CA ARG B 35 -9.39 0.03 -11.56
C ARG B 35 -8.75 0.19 -10.17
N HIS B 36 -7.43 0.38 -10.12
CA HIS B 36 -6.77 0.63 -8.83
C HIS B 36 -7.13 1.95 -8.19
N ILE B 37 -7.55 2.92 -8.99
CA ILE B 37 -7.79 4.26 -8.45
C ILE B 37 -8.87 4.23 -7.36
N THR B 38 -8.63 4.97 -6.28
CA THR B 38 -9.57 4.99 -5.16
C THR B 38 -10.56 6.14 -5.31
N GLY B 39 -11.67 6.05 -4.59
CA GLY B 39 -12.64 7.15 -4.54
C GLY B 39 -12.01 8.44 -4.03
N GLN B 40 -11.10 8.31 -3.07
CA GLN B 40 -10.39 9.47 -2.52
C GLN B 40 -9.57 10.16 -3.61
N ALA B 41 -8.94 9.37 -4.46
CA ALA B 41 -8.16 9.91 -5.58
C ALA B 41 -9.07 10.62 -6.60
N VAL B 42 -10.19 9.98 -6.92
CA VAL B 42 -11.21 10.58 -7.80
C VAL B 42 -11.69 11.93 -7.23
N ASP B 43 -11.94 11.97 -5.92
CA ASP B 43 -12.41 13.18 -5.28
C ASP B 43 -11.38 14.30 -5.38
N ALA B 44 -10.11 13.96 -5.19
CA ALA B 44 -9.03 14.94 -5.26
C ALA B 44 -8.83 15.48 -6.68
N MET B 45 -9.02 14.62 -7.68
CA MET B 45 -8.99 15.09 -9.08
C MET B 45 -10.12 16.07 -9.33
N ASN B 46 -11.33 15.71 -8.87
CA ASN B 46 -12.50 16.56 -9.09
C ASN B 46 -12.50 17.88 -8.32
N ALA B 47 -11.73 17.93 -7.25
CA ALA B 47 -11.57 19.16 -6.47
C ALA B 47 -10.50 20.10 -7.04
N ALA B 48 -9.70 19.60 -7.97
CA ALA B 48 -8.56 20.37 -8.49
C ALA B 48 -8.97 21.45 -9.47
N ASP B 49 -8.28 22.58 -9.40
CA ASP B 49 -8.38 23.60 -10.45
C ASP B 49 -7.47 23.26 -11.62
N LEU B 50 -6.38 22.56 -11.33
CA LEU B 50 -5.34 22.27 -12.28
C LEU B 50 -4.76 20.89 -12.00
N ILE B 51 -4.68 20.05 -13.01
CA ILE B 51 -3.95 18.78 -12.92
C ILE B 51 -2.82 18.85 -13.94
N LEU B 52 -1.59 18.65 -13.44
CA LEU B 52 -0.39 18.69 -14.27
C LEU B 52 0.07 17.29 -14.53
N ILE B 53 0.24 16.94 -15.80
CA ILE B 53 0.71 15.61 -16.18
C ILE B 53 1.87 15.69 -17.17
N PRO B 54 2.91 14.87 -16.96
CA PRO B 54 4.05 14.93 -17.88
C PRO B 54 3.71 14.38 -19.27
N LEU B 55 4.31 15.00 -20.29
CA LEU B 55 4.30 14.46 -21.63
C LEU B 55 5.14 13.18 -21.68
N LYS B 56 4.83 12.32 -22.65
CA LYS B 56 5.65 11.16 -22.94
C LYS B 56 7.08 11.62 -23.25
N GLY B 57 8.06 10.94 -22.66
CA GLY B 57 9.47 11.24 -22.92
C GLY B 57 10.21 9.98 -23.31
N ALA B 58 11.49 9.91 -22.97
CA ALA B 58 12.32 8.75 -23.28
C ALA B 58 11.95 7.52 -22.44
N ASP B 59 11.68 7.76 -21.16
CA ASP B 59 11.31 6.70 -20.21
C ASP B 59 9.90 6.18 -20.47
N LYS B 60 9.81 5.08 -21.22
CA LYS B 60 8.54 4.49 -21.64
C LYS B 60 7.77 3.88 -20.46
N SER B 61 8.50 3.57 -19.38
CA SER B 61 7.88 3.01 -18.17
C SER B 61 7.00 3.99 -17.41
N ASP B 62 7.06 5.28 -17.78
CA ASP B 62 6.20 6.30 -17.16
C ASP B 62 4.74 6.18 -17.61
N LEU B 63 4.52 5.48 -18.73
CA LEU B 63 3.18 5.26 -19.30
C LEU B 63 2.32 6.52 -19.26
N ALA B 64 2.82 7.59 -19.87
CA ALA B 64 2.18 8.90 -19.82
C ALA B 64 0.73 8.89 -20.34
N GLY B 65 0.49 8.08 -21.37
CA GLY B 65 -0.85 7.92 -21.93
C GLY B 65 -1.84 7.26 -20.97
N LEU B 66 -1.37 6.26 -20.23
CA LEU B 66 -2.21 5.55 -19.26
C LEU B 66 -2.59 6.48 -18.11
N ARG B 67 -1.63 7.30 -17.68
CA ARG B 67 -1.89 8.30 -16.65
C ARG B 67 -3.03 9.22 -17.10
N ARG B 68 -2.94 9.74 -18.33
CA ARG B 68 -3.98 10.60 -18.88
C ARG B 68 -5.33 9.88 -19.00
N GLN B 69 -5.30 8.63 -19.44
CA GLN B 69 -6.50 7.81 -19.55
C GLN B 69 -7.19 7.67 -18.19
N ILE B 70 -6.39 7.37 -17.17
CA ILE B 70 -6.92 7.21 -15.82
C ILE B 70 -7.56 8.51 -15.33
N CYS B 71 -6.85 9.62 -15.55
CA CYS B 71 -7.39 10.94 -15.22
C CYS B 71 -8.74 11.19 -15.91
N ALA B 72 -8.77 10.98 -17.22
CA ALA B 72 -9.97 11.21 -18.04
C ALA B 72 -11.16 10.31 -17.69
N ALA B 73 -10.89 9.10 -17.22
CA ALA B 73 -11.94 8.15 -16.87
C ALA B 73 -12.75 8.59 -15.65
N HIS B 74 -12.19 9.49 -14.84
CA HIS B 74 -12.82 9.89 -13.59
C HIS B 74 -13.05 11.37 -13.37
N LEU B 75 -12.42 12.22 -14.18
CA LEU B 75 -12.56 13.65 -14.02
C LEU B 75 -13.90 14.15 -14.56
N THR B 76 -14.78 14.59 -13.66
CA THR B 76 -16.09 15.08 -14.04
C THR B 76 -16.29 16.57 -13.80
N ASN B 77 -15.36 17.20 -13.07
CA ASN B 77 -15.39 18.64 -12.89
C ASN B 77 -15.10 19.32 -14.24
N PRO B 78 -16.10 20.01 -14.80
CA PRO B 78 -15.89 20.52 -16.16
C PRO B 78 -14.87 21.66 -16.23
N ALA B 79 -14.59 22.29 -15.09
CA ALA B 79 -13.72 23.47 -15.05
C ALA B 79 -12.24 23.15 -14.85
N THR B 80 -11.93 21.93 -14.41
CA THR B 80 -10.55 21.54 -14.14
C THR B 80 -9.73 21.60 -15.41
N LYS B 81 -8.57 22.27 -15.34
CA LYS B 81 -7.65 22.29 -16.47
C LYS B 81 -6.68 21.14 -16.37
N VAL B 82 -6.52 20.42 -17.47
CA VAL B 82 -5.58 19.32 -17.53
C VAL B 82 -4.46 19.75 -18.45
N ILE B 83 -3.28 19.93 -17.88
CA ILE B 83 -2.17 20.53 -18.62
C ILE B 83 -0.97 19.61 -18.70
N ASP B 84 -0.67 19.19 -19.93
CA ASP B 84 0.51 18.37 -20.21
C ASP B 84 1.73 19.29 -20.22
N PHE B 85 2.82 18.82 -19.63
CA PHE B 85 4.05 19.62 -19.60
C PHE B 85 5.27 18.74 -19.88
N ALA B 86 6.34 19.36 -20.39
CA ALA B 86 7.58 18.65 -20.64
C ALA B 86 8.39 18.52 -19.36
N LEU B 87 8.65 17.28 -18.95
CA LEU B 87 9.47 17.03 -17.79
C LEU B 87 10.94 17.26 -18.16
N PRO B 88 11.68 18.01 -17.31
CA PRO B 88 13.11 18.24 -17.52
C PRO B 88 13.92 16.96 -17.64
N VAL B 89 15.01 17.02 -18.38
CA VAL B 89 15.90 15.88 -18.60
C VAL B 89 17.13 16.00 -17.70
N ARG B 90 17.48 14.91 -17.02
CA ARG B 90 18.69 14.86 -16.21
C ARG B 90 19.93 14.95 -17.10
N ASP B 91 20.90 15.76 -16.69
CA ASP B 91 22.18 15.85 -17.39
C ASP B 91 23.06 14.64 -17.04
N ALA B 92 23.13 13.70 -17.98
CA ALA B 92 23.91 12.46 -17.81
C ALA B 92 25.42 12.71 -17.83
N SER B 93 25.82 13.90 -18.26
CA SER B 93 27.24 14.25 -18.39
C SER B 93 27.79 14.97 -17.14
N ASN B 94 27.03 14.98 -16.06
CA ASN B 94 27.46 15.61 -14.81
C ASN B 94 28.52 14.77 -14.11
N LYS B 99 24.82 15.19 -7.72
CA LYS B 99 24.67 16.58 -8.15
C LYS B 99 23.78 16.68 -9.39
N GLY B 100 23.91 15.72 -10.29
CA GLY B 100 23.08 15.64 -11.49
C GLY B 100 21.62 15.40 -11.15
N VAL B 101 21.40 14.47 -10.22
CA VAL B 101 20.07 14.16 -9.69
C VAL B 101 19.49 15.37 -8.97
N ASP B 102 20.33 16.03 -8.17
CA ASP B 102 19.96 17.23 -7.42
C ASP B 102 19.54 18.39 -8.34
N ASP B 103 20.32 18.64 -9.39
CA ASP B 103 20.00 19.68 -10.37
C ASP B 103 18.71 19.35 -11.13
N TRP B 104 18.55 18.08 -11.46
CA TRP B 104 17.37 17.57 -12.16
C TRP B 104 16.10 17.79 -11.34
N HIS B 105 16.14 17.41 -10.07
CA HIS B 105 14.98 17.61 -9.17
C HIS B 105 14.67 19.09 -8.95
N ASP B 106 15.72 19.91 -8.87
CA ASP B 106 15.58 21.35 -8.82
C ASP B 106 14.84 21.86 -10.07
N ALA B 107 15.22 21.34 -11.24
CA ALA B 107 14.62 21.73 -12.51
C ALA B 107 13.15 21.32 -12.61
N ILE B 108 12.82 20.14 -12.07
CA ILE B 108 11.44 19.67 -12.03
C ILE B 108 10.59 20.59 -11.16
N ALA B 109 11.09 20.95 -9.98
CA ALA B 109 10.42 21.90 -9.09
C ALA B 109 10.16 23.23 -9.79
N GLU B 110 11.17 23.73 -10.50
CA GLU B 110 11.06 24.99 -11.26
C GLU B 110 9.95 24.95 -12.30
N THR B 111 9.86 23.82 -13.01
CA THR B 111 8.79 23.57 -13.99
C THR B 111 7.42 23.59 -13.33
N TRP B 112 7.29 22.90 -12.20
CA TRP B 112 6.02 22.90 -11.48
C TRP B 112 5.66 24.31 -11.05
N LEU B 113 6.64 25.02 -10.51
CA LEU B 113 6.43 26.36 -9.99
C LEU B 113 5.97 27.31 -11.10
N SER B 114 6.63 27.23 -12.24
CA SER B 114 6.24 28.03 -13.42
C SER B 114 4.84 27.69 -13.93
N GLU B 115 4.48 26.40 -13.96
CA GLU B 115 3.16 25.96 -14.41
C GLU B 115 2.06 26.44 -13.47
N ILE B 116 2.30 26.31 -12.17
CA ILE B 116 1.34 26.73 -11.15
C ILE B 116 1.12 28.24 -11.22
N THR B 117 2.22 28.99 -11.34
CA THR B 117 2.18 30.45 -11.39
C THR B 117 1.48 30.93 -12.66
N ALA B 118 1.72 30.25 -13.78
CA ALA B 118 1.06 30.59 -15.05
C ALA B 118 -0.44 30.34 -15.00
N HIS B 119 -0.85 29.23 -14.41
CA HIS B 119 -2.23 28.78 -14.48
C HIS B 119 -3.07 29.06 -13.24
N VAL B 120 -2.42 29.39 -12.13
CA VAL B 120 -3.10 29.90 -10.93
C VAL B 120 -2.36 31.17 -10.49
N PRO B 121 -2.43 32.25 -11.31
CA PRO B 121 -1.59 33.42 -11.07
C PRO B 121 -1.94 34.18 -9.80
N GLY B 122 -3.17 34.00 -9.32
CA GLY B 122 -3.58 34.56 -8.04
C GLY B 122 -3.05 33.74 -6.87
N LEU B 123 -2.48 32.57 -7.18
CA LEU B 123 -1.82 31.68 -6.22
C LEU B 123 -2.73 31.16 -5.11
N GLU B 124 -4.03 31.14 -5.40
CA GLU B 124 -5.03 30.56 -4.52
C GLU B 124 -5.76 29.50 -5.33
N GLY B 125 -5.56 28.23 -4.98
CA GLY B 125 -6.19 27.17 -5.73
C GLY B 125 -5.68 25.79 -5.38
N ARG B 126 -6.24 24.80 -6.06
CA ARG B 126 -5.93 23.41 -5.84
C ARG B 126 -5.27 22.82 -7.09
N VAL B 127 -4.09 22.24 -6.90
CA VAL B 127 -3.31 21.66 -7.99
C VAL B 127 -3.06 20.21 -7.64
N ALA B 128 -3.10 19.32 -8.63
CA ALA B 128 -2.85 17.90 -8.43
C ALA B 128 -1.77 17.38 -9.35
N LEU B 129 -0.98 16.46 -8.83
CA LEU B 129 -0.06 15.64 -9.62
C LEU B 129 -0.49 14.19 -9.42
N LEU B 130 -0.39 13.39 -10.49
CA LEU B 130 -0.77 11.98 -10.45
C LEU B 130 0.46 11.09 -10.36
N VAL B 131 0.56 10.33 -9.27
CA VAL B 131 1.77 9.59 -8.94
C VAL B 131 1.51 8.08 -9.04
N TRP B 132 2.34 7.36 -9.80
CA TRP B 132 2.15 5.91 -9.92
C TRP B 132 2.30 5.23 -8.55
N GLY B 133 1.46 4.23 -8.30
CA GLY B 133 1.49 3.51 -7.03
C GLY B 133 1.03 4.40 -5.89
N ASP B 134 1.84 4.42 -4.83
CA ASP B 134 1.61 5.31 -3.69
C ASP B 134 2.74 6.32 -3.62
N PRO B 135 2.43 7.61 -3.33
CA PRO B 135 3.48 8.64 -3.31
C PRO B 135 4.57 8.43 -2.26
N SER B 136 4.31 7.61 -1.25
CA SER B 136 5.27 7.40 -0.16
C SER B 136 6.42 6.46 -0.53
N LEU B 137 6.25 5.69 -1.61
CA LEU B 137 7.11 4.52 -1.83
C LEU B 137 8.08 4.67 -3.03
N TYR B 138 9.36 4.84 -2.73
CA TYR B 138 10.41 5.02 -3.76
C TYR B 138 9.97 5.92 -4.92
N ASP B 139 9.50 7.10 -4.55
CA ASP B 139 9.06 8.08 -5.53
C ASP B 139 9.52 9.45 -5.10
N SER B 140 10.05 10.19 -6.06
CA SER B 140 10.69 11.49 -5.78
C SER B 140 9.74 12.68 -5.65
N THR B 141 8.48 12.52 -6.07
CA THR B 141 7.56 13.66 -6.19
C THR B 141 7.43 14.45 -4.88
N LEU B 142 7.27 13.74 -3.78
CA LEU B 142 7.08 14.37 -2.48
C LEU B 142 8.30 15.18 -2.04
N ARG B 143 9.50 14.66 -2.28
CA ARG B 143 10.71 15.40 -1.90
C ARG B 143 10.98 16.58 -2.82
N ILE B 144 10.62 16.46 -4.10
CA ILE B 144 10.71 17.59 -5.03
C ILE B 144 9.73 18.69 -4.60
N ALA B 145 8.51 18.29 -4.24
CA ALA B 145 7.49 19.23 -3.80
C ALA B 145 7.93 20.01 -2.55
N GLU B 146 8.76 19.39 -1.72
CA GLU B 146 9.31 20.04 -0.53
C GLU B 146 10.13 21.28 -0.91
N ARG B 147 10.83 21.22 -2.04
CA ARG B 147 11.60 22.35 -2.56
C ARG B 147 10.71 23.58 -2.79
N LEU B 148 9.46 23.34 -3.17
CA LEU B 148 8.55 24.43 -3.49
C LEU B 148 8.02 25.19 -2.28
N LYS B 149 8.11 24.57 -1.09
CA LYS B 149 7.52 25.14 0.12
C LYS B 149 8.06 26.54 0.44
N SER B 150 9.32 26.79 0.12
CA SER B 150 9.96 28.07 0.42
C SER B 150 9.77 29.11 -0.69
N ARG B 151 9.05 28.75 -1.74
CA ARG B 151 8.89 29.64 -2.89
C ARG B 151 7.44 29.92 -3.27
N LEU B 152 6.53 29.16 -2.65
CA LEU B 152 5.10 29.29 -2.83
C LEU B 152 4.44 29.24 -1.46
N PRO B 153 3.32 29.96 -1.28
CA PRO B 153 2.53 29.65 -0.10
C PRO B 153 1.80 28.33 -0.39
N LEU B 154 2.22 27.28 0.30
CA LEU B 154 1.94 25.91 -0.15
C LEU B 154 1.54 24.99 0.99
N THR B 155 0.47 24.21 0.78
CA THR B 155 0.15 23.08 1.63
C THR B 155 0.15 21.84 0.73
N THR B 156 0.83 20.79 1.19
CA THR B 156 0.95 19.55 0.42
C THR B 156 0.10 18.48 1.08
N LYS B 157 -0.71 17.81 0.27
CA LYS B 157 -1.52 16.68 0.71
C LYS B 157 -1.20 15.46 -0.13
N VAL B 158 -1.35 14.29 0.47
CA VAL B 158 -1.07 13.03 -0.21
C VAL B 158 -2.30 12.12 -0.17
N ILE B 159 -2.64 11.56 -1.32
CA ILE B 159 -3.71 10.57 -1.43
C ILE B 159 -3.05 9.22 -1.71
N PRO B 160 -3.25 8.23 -0.81
CA PRO B 160 -2.64 6.91 -1.04
C PRO B 160 -3.17 6.18 -2.27
N GLY B 161 -2.33 5.31 -2.83
CA GLY B 161 -2.69 4.49 -3.98
C GLY B 161 -2.14 3.10 -3.79
N ILE B 162 -2.60 2.15 -4.60
CA ILE B 162 -2.11 0.78 -4.51
C ILE B 162 -0.64 0.67 -4.92
N THR B 163 0.19 0.06 -4.06
CA THR B 163 1.62 -0.08 -4.33
C THR B 163 1.91 -1.35 -5.12
N ALA B 164 3.09 -1.39 -5.72
CA ALA B 164 3.51 -2.58 -6.46
C ALA B 164 3.69 -3.77 -5.52
N ILE B 165 4.04 -3.49 -4.26
CA ILE B 165 4.16 -4.55 -3.25
C ILE B 165 2.83 -5.25 -3.06
N GLN B 166 1.77 -4.46 -2.84
CA GLN B 166 0.45 -5.05 -2.67
C GLN B 166 -0.06 -5.70 -3.93
N ALA B 167 0.21 -5.10 -5.09
CA ALA B 167 -0.20 -5.70 -6.36
C ALA B 167 0.46 -7.08 -6.55
N LEU B 168 1.74 -7.18 -6.24
CA LEU B 168 2.46 -8.45 -6.37
C LEU B 168 1.88 -9.50 -5.44
N CYS B 169 1.68 -9.14 -4.17
CA CYS B 169 1.17 -10.11 -3.21
C CYS B 169 -0.23 -10.57 -3.57
N ALA B 170 -1.06 -9.65 -4.06
CA ALA B 170 -2.41 -9.98 -4.49
C ALA B 170 -2.40 -10.90 -5.70
N ALA B 171 -1.53 -10.61 -6.67
CA ALA B 171 -1.46 -11.43 -7.89
C ALA B 171 -1.08 -12.87 -7.57
N HIS B 172 -0.15 -13.05 -6.63
CA HIS B 172 0.31 -14.37 -6.19
C HIS B 172 -0.58 -14.97 -5.11
N ALA B 173 -1.50 -14.17 -4.58
CA ALA B 173 -2.37 -14.56 -3.46
C ALA B 173 -1.55 -15.06 -2.27
N ILE B 174 -0.59 -14.23 -1.85
CA ILE B 174 0.30 -14.53 -0.74
C ILE B 174 0.28 -13.42 0.31
N PRO B 175 0.57 -13.77 1.57
CA PRO B 175 0.77 -12.74 2.58
C PRO B 175 2.09 -12.02 2.33
N LEU B 176 2.18 -10.76 2.74
CA LEU B 176 3.46 -10.06 2.71
C LEU B 176 4.36 -10.62 3.81
N ASN B 177 3.84 -10.63 5.03
CA ASN B 177 4.61 -11.08 6.18
C ASN B 177 4.38 -12.56 6.50
N ASP B 178 5.36 -13.17 7.14
CA ASP B 178 5.13 -14.38 7.93
C ASP B 178 4.43 -13.96 9.23
N ILE B 179 3.69 -14.89 9.82
CA ILE B 179 2.92 -14.59 11.04
C ILE B 179 3.77 -13.88 12.09
N GLY B 180 3.35 -12.68 12.47
CA GLY B 180 3.98 -11.89 13.53
C GLY B 180 5.42 -11.46 13.28
N ALA B 181 5.87 -11.56 12.03
CA ALA B 181 7.28 -11.38 11.69
C ALA B 181 7.60 -10.07 10.94
N PRO B 182 8.85 -9.58 11.06
CA PRO B 182 9.20 -8.38 10.29
C PRO B 182 9.37 -8.66 8.79
N VAL B 183 9.33 -7.59 8.01
CA VAL B 183 9.52 -7.61 6.58
C VAL B 183 10.48 -6.49 6.21
N VAL B 184 11.44 -6.78 5.34
CA VAL B 184 12.30 -5.73 4.79
C VAL B 184 11.86 -5.38 3.37
N ILE B 185 11.64 -4.09 3.13
CA ILE B 185 11.48 -3.55 1.80
C ILE B 185 12.79 -2.89 1.43
N THR B 186 13.33 -3.23 0.26
CA THR B 186 14.65 -2.72 -0.10
C THR B 186 14.79 -2.59 -1.63
N THR B 187 15.99 -2.27 -2.09
CA THR B 187 16.26 -2.09 -3.51
C THR B 187 17.22 -3.16 -4.03
N GLY B 188 17.27 -3.31 -5.35
CA GLY B 188 18.22 -4.20 -6.01
C GLY B 188 19.65 -3.86 -5.61
N ARG B 189 20.00 -2.58 -5.66
CA ARG B 189 21.36 -2.15 -5.28
C ARG B 189 21.70 -2.45 -3.82
N GLN B 190 20.74 -2.26 -2.91
CA GLN B 190 21.00 -2.62 -1.52
C GLN B 190 21.27 -4.12 -1.34
N LEU B 191 20.57 -4.96 -2.10
CA LEU B 191 20.83 -6.40 -2.06
C LEU B 191 22.22 -6.75 -2.61
N ARG B 192 22.61 -6.11 -3.71
CA ARG B 192 23.93 -6.34 -4.30
C ARG B 192 25.06 -5.80 -3.43
N ASP B 193 24.83 -4.69 -2.74
CA ASP B 193 25.88 -4.10 -1.90
C ASP B 193 26.05 -4.82 -0.56
N HIS B 194 24.95 -5.34 -0.01
CA HIS B 194 24.97 -5.83 1.37
C HIS B 194 24.55 -7.28 1.56
N GLY B 195 23.92 -7.87 0.55
CA GLY B 195 23.44 -9.24 0.67
C GLY B 195 22.12 -9.31 1.42
N TRP B 196 21.79 -10.50 1.92
CA TRP B 196 20.52 -10.70 2.61
C TRP B 196 20.41 -9.78 3.83
N PRO B 197 19.32 -9.00 3.91
CA PRO B 197 19.16 -8.07 5.04
C PRO B 197 19.03 -8.78 6.38
N ALA B 198 19.71 -8.24 7.38
CA ALA B 198 19.64 -8.76 8.75
C ALA B 198 18.23 -8.63 9.32
N GLY B 199 17.84 -9.58 10.16
CA GLY B 199 16.65 -9.47 11.00
C GLY B 199 15.33 -9.75 10.30
N THR B 200 15.41 -10.50 9.20
CA THR B 200 14.21 -10.85 8.46
C THR B 200 14.33 -12.17 7.71
N GLU B 201 13.18 -12.83 7.53
CA GLU B 201 13.08 -13.97 6.64
C GLU B 201 12.26 -13.65 5.37
N THR B 202 11.84 -12.39 5.25
CA THR B 202 11.11 -11.93 4.05
C THR B 202 11.69 -10.60 3.57
N VAL B 203 11.96 -10.53 2.27
CA VAL B 203 12.47 -9.33 1.61
C VAL B 203 11.61 -9.06 0.37
N VAL B 204 11.23 -7.80 0.17
CA VAL B 204 10.67 -7.39 -1.11
C VAL B 204 11.63 -6.39 -1.74
N ALA B 205 12.02 -6.64 -2.97
CA ALA B 205 12.97 -5.76 -3.66
C ALA B 205 12.33 -4.96 -4.78
N MET B 206 12.56 -3.66 -4.73
CA MET B 206 12.05 -2.72 -5.72
C MET B 206 13.21 -2.01 -6.41
N LEU B 207 12.92 -1.28 -7.48
CA LEU B 207 13.92 -0.49 -8.22
C LEU B 207 15.06 -1.36 -8.73
N ASP B 208 14.78 -2.63 -8.99
CA ASP B 208 15.80 -3.56 -9.41
C ASP B 208 15.75 -3.74 -10.91
N GLY B 209 16.80 -3.31 -11.57
CA GLY B 209 16.91 -3.47 -13.02
C GLY B 209 17.67 -4.72 -13.44
N GLU B 210 18.09 -5.54 -12.47
CA GLU B 210 18.99 -6.64 -12.80
C GLU B 210 18.81 -7.94 -12.02
N CYS B 211 17.59 -8.25 -11.61
CA CYS B 211 17.30 -9.53 -10.93
C CYS B 211 18.36 -9.82 -9.88
N SER B 212 18.51 -8.89 -8.94
CA SER B 212 19.64 -8.89 -8.01
C SER B 212 19.63 -10.07 -7.05
N PHE B 213 18.49 -10.75 -6.93
CA PHE B 213 18.40 -11.97 -6.12
C PHE B 213 19.34 -13.06 -6.61
N GLN B 214 19.75 -12.97 -7.88
CA GLN B 214 20.65 -13.96 -8.48
C GLN B 214 22.04 -13.89 -7.88
N SER B 215 22.36 -12.79 -7.18
CA SER B 215 23.67 -12.63 -6.54
C SER B 215 23.71 -13.18 -5.11
N LEU B 216 22.56 -13.58 -4.58
CA LEU B 216 22.46 -14.14 -3.23
C LEU B 216 22.76 -15.64 -3.22
N PRO B 217 23.14 -16.17 -2.04
CA PRO B 217 23.08 -17.62 -1.90
C PRO B 217 21.62 -18.07 -2.05
N PRO B 218 21.33 -18.99 -2.98
CA PRO B 218 19.92 -19.38 -3.19
C PRO B 218 19.35 -20.32 -2.12
N ASP B 219 20.23 -20.82 -1.25
CA ASP B 219 19.88 -21.78 -0.20
C ASP B 219 18.62 -21.37 0.58
N GLY B 220 17.59 -22.20 0.50
CA GLY B 220 16.37 -21.98 1.27
C GLY B 220 15.51 -20.81 0.86
N LEU B 221 15.78 -20.23 -0.31
CA LEU B 221 14.99 -19.10 -0.80
C LEU B 221 13.92 -19.51 -1.81
N THR B 222 12.71 -19.00 -1.58
CA THR B 222 11.62 -19.09 -2.54
C THR B 222 11.33 -17.68 -3.05
N ILE B 223 11.15 -17.54 -4.35
CA ILE B 223 10.84 -16.25 -4.96
C ILE B 223 9.43 -16.24 -5.51
N PHE B 224 8.75 -15.11 -5.31
CA PHE B 224 7.49 -14.80 -5.97
C PHE B 224 7.75 -13.52 -6.75
N TRP B 225 7.84 -13.66 -8.07
CA TRP B 225 8.29 -12.60 -8.97
C TRP B 225 7.14 -12.17 -9.86
N GLY B 226 7.13 -10.90 -10.23
CA GLY B 226 6.15 -10.40 -11.17
C GLY B 226 6.67 -9.24 -11.97
N ALA B 227 6.38 -9.26 -13.27
CA ALA B 227 6.70 -8.13 -14.14
C ALA B 227 5.40 -7.58 -14.70
N CYS B 228 5.32 -6.25 -14.81
CA CYS B 228 4.13 -5.58 -15.33
C CYS B 228 2.87 -6.04 -14.60
N VAL B 229 2.99 -6.12 -13.28
CA VAL B 229 1.92 -6.61 -12.42
C VAL B 229 0.69 -5.71 -12.54
N ALA B 230 -0.47 -6.37 -12.62
CA ALA B 230 -1.80 -5.74 -12.72
C ALA B 230 -2.05 -5.07 -14.08
N MET B 231 -1.15 -5.34 -15.03
CA MET B 231 -1.33 -4.85 -16.39
C MET B 231 -1.56 -6.03 -17.32
N PRO B 232 -2.03 -5.77 -18.57
CA PRO B 232 -2.32 -6.89 -19.44
C PRO B 232 -1.11 -7.79 -19.73
N GLU B 233 0.09 -7.20 -19.66
CA GLU B 233 1.37 -7.89 -19.93
C GLU B 233 1.91 -8.72 -18.75
N GLU B 234 1.16 -8.76 -17.65
CA GLU B 234 1.62 -9.38 -16.38
C GLU B 234 2.18 -10.78 -16.58
N VAL B 235 3.36 -11.01 -16.00
CA VAL B 235 3.97 -12.34 -15.92
C VAL B 235 4.32 -12.62 -14.45
N LEU B 236 3.85 -13.76 -13.95
CA LEU B 236 4.14 -14.20 -12.58
C LEU B 236 4.91 -15.51 -12.60
N ILE B 237 5.95 -15.59 -11.77
CA ILE B 237 6.75 -16.81 -11.64
C ILE B 237 7.05 -17.02 -10.16
N ARG B 238 6.93 -18.26 -9.70
CA ARG B 238 7.26 -18.58 -8.32
C ARG B 238 8.05 -19.88 -8.26
N GLY B 239 8.86 -20.01 -7.22
CA GLY B 239 9.55 -21.27 -6.92
C GLY B 239 10.87 -21.10 -6.21
N PRO B 240 11.58 -22.22 -5.98
CA PRO B 240 12.89 -22.15 -5.35
C PRO B 240 13.84 -21.35 -6.23
N VAL B 241 14.59 -20.43 -5.63
CA VAL B 241 15.44 -19.53 -6.40
C VAL B 241 16.42 -20.28 -7.32
N ALA B 242 17.01 -21.36 -6.81
CA ALA B 242 17.96 -22.15 -7.60
C ALA B 242 17.31 -22.73 -8.86
N GLU B 243 16.00 -22.98 -8.79
CA GLU B 243 15.30 -23.65 -9.89
C GLU B 243 14.69 -22.71 -10.92
N VAL B 244 14.29 -21.51 -10.50
CA VAL B 244 13.53 -20.62 -11.38
C VAL B 244 14.26 -19.32 -11.76
N THR B 245 15.50 -19.17 -11.30
CA THR B 245 16.27 -17.97 -11.66
C THR B 245 16.38 -17.77 -13.17
N ASP B 246 16.78 -18.83 -13.91
CA ASP B 246 16.90 -18.65 -15.34
C ASP B 246 15.56 -18.43 -16.05
N GLU B 247 14.51 -19.09 -15.58
CA GLU B 247 13.16 -18.83 -16.08
C GLU B 247 12.79 -17.35 -15.97
N ILE B 248 13.09 -16.77 -14.81
CA ILE B 248 12.80 -15.35 -14.57
C ILE B 248 13.66 -14.45 -15.47
N LEU B 249 14.96 -14.77 -15.58
CA LEU B 249 15.83 -13.96 -16.44
C LEU B 249 15.30 -13.92 -17.86
N GLN B 250 14.90 -15.10 -18.37
CA GLN B 250 14.39 -15.21 -19.72
C GLN B 250 13.08 -14.46 -19.92
N ALA B 251 12.16 -14.64 -18.98
CA ALA B 251 10.84 -14.00 -19.08
C ALA B 251 10.98 -12.48 -19.06
N ARG B 252 11.84 -12.00 -18.16
CA ARG B 252 12.10 -10.57 -18.06
C ARG B 252 12.68 -10.01 -19.35
N ALA B 253 13.70 -10.69 -19.90
CA ALA B 253 14.37 -10.24 -21.11
C ALA B 253 13.41 -10.26 -22.31
N ASP B 254 12.56 -11.27 -22.37
CA ASP B 254 11.58 -11.39 -23.44
C ASP B 254 10.59 -10.22 -23.41
N LEU B 255 10.08 -9.93 -22.21
CA LEU B 255 9.14 -8.85 -22.01
C LEU B 255 9.76 -7.51 -22.39
N ARG B 256 11.02 -7.33 -22.00
CA ARG B 256 11.77 -6.11 -22.30
C ARG B 256 12.00 -5.94 -23.81
N ALA B 257 12.38 -7.03 -24.48
CA ALA B 257 12.63 -6.99 -25.93
C ALA B 257 11.38 -6.64 -26.72
N ARG B 258 10.24 -7.19 -26.33
CA ARG B 258 8.98 -6.99 -27.07
C ARG B 258 8.30 -5.66 -26.77
N HIS B 259 8.52 -5.12 -25.57
CA HIS B 259 7.85 -3.87 -25.16
C HIS B 259 8.75 -2.64 -25.07
N GLY B 260 10.06 -2.86 -25.09
CA GLY B 260 11.04 -1.78 -24.99
C GLY B 260 11.36 -1.36 -23.56
N TRP B 261 10.57 -1.88 -22.61
CA TRP B 261 10.75 -1.58 -21.19
C TRP B 261 10.15 -2.70 -20.35
N VAL B 262 10.59 -2.79 -19.10
CA VAL B 262 9.97 -3.70 -18.12
C VAL B 262 10.15 -3.15 -16.69
N MET B 263 9.12 -3.33 -15.86
CA MET B 263 9.24 -3.09 -14.42
C MET B 263 8.90 -4.40 -13.73
N ASP B 264 9.77 -4.82 -12.83
CA ASP B 264 9.51 -6.03 -12.05
C ASP B 264 9.73 -5.81 -10.57
N ILE B 265 9.15 -6.70 -9.79
CA ILE B 265 9.22 -6.66 -8.33
C ILE B 265 9.16 -8.11 -7.86
N TYR B 266 9.75 -8.39 -6.70
CA TYR B 266 9.70 -9.75 -6.20
C TYR B 266 9.81 -9.83 -4.70
N LEU B 267 9.26 -10.89 -4.15
CA LEU B 267 9.32 -11.19 -2.74
C LEU B 267 10.17 -12.45 -2.58
N LEU B 268 11.12 -12.40 -1.65
CA LEU B 268 11.95 -13.54 -1.29
C LEU B 268 11.56 -14.03 0.09
N ARG B 269 11.30 -15.33 0.21
CA ARG B 269 10.94 -15.95 1.48
C ARG B 269 12.02 -16.96 1.83
N ARG B 270 12.65 -16.77 2.99
CA ARG B 270 13.70 -17.67 3.44
C ARG B 270 13.17 -18.67 4.46
N ASN B 271 13.50 -19.94 4.23
CA ASN B 271 13.19 -21.02 5.15
C ASN B 271 14.45 -21.86 5.40
N VAL B 272 15.15 -21.54 6.48
CA VAL B 272 16.31 -22.31 6.91
C VAL B 272 16.06 -22.93 8.29
N SAH C . -4.27 -5.38 6.91
CA SAH C . -4.17 -4.11 7.69
CB SAH C . -3.40 -4.35 9.00
CG SAH C . -4.20 -5.24 9.95
SD SAH C . -3.38 -5.51 11.49
C SAH C . -3.50 -3.06 6.86
O SAH C . -3.24 -3.23 5.66
OXT SAH C . -3.24 -1.96 7.37
C5' SAH C . -3.99 -4.17 12.50
C4' SAH C . -2.94 -3.09 12.73
O4' SAH C . -2.96 -2.18 11.63
C3' SAH C . -3.18 -2.22 13.96
O3' SAH C . -2.60 -2.77 15.15
C2' SAH C . -2.50 -0.92 13.59
O2' SAH C . -1.07 -0.99 13.65
C1' SAH C . -2.78 -0.84 12.12
N9 SAH C . -3.96 -0.05 11.73
C8 SAH C . -4.99 -0.49 10.98
N7 SAH C . -5.90 0.50 10.75
C5 SAH C . -5.43 1.61 11.36
C6 SAH C . -5.89 3.00 11.50
N6 SAH C . -7.05 3.42 10.91
N1 SAH C . -5.10 3.84 12.20
C2 SAH C . -3.94 3.44 12.77
N3 SAH C . -3.46 2.19 12.67
C4 SAH C . -4.16 1.25 12.00
C ACT D . -5.39 12.11 6.53
O ACT D . -5.33 13.07 7.36
OXT ACT D . -5.70 10.94 6.89
CH3 ACT D . -5.10 12.39 5.09
C ACT E . 3.62 -1.39 2.09
O ACT E . 3.70 -2.63 2.18
OXT ACT E . 2.64 -0.96 1.45
CH3 ACT E . 4.62 -0.47 2.69
N SAH F . 5.48 4.44 -5.83
CA SAH F . 5.51 3.13 -6.56
CB SAH F . 6.96 2.66 -6.73
CG SAH F . 7.72 3.54 -7.71
SD SAH F . 9.38 3.00 -7.93
C SAH F . 4.68 2.14 -5.80
O SAH F . 3.96 2.48 -4.85
OXT SAH F . 4.69 0.94 -6.13
C5' SAH F . 9.24 1.90 -9.32
C4' SAH F . 9.44 0.44 -8.91
O4' SAH F . 8.20 -0.09 -8.46
C3' SAH F . 9.84 -0.46 -10.06
O3' SAH F . 11.26 -0.50 -10.24
C2' SAH F . 9.31 -1.82 -9.64
O2' SAH F . 10.11 -2.43 -8.61
C1' SAH F . 8.04 -1.43 -8.93
N9 SAH F . 6.84 -1.45 -9.82
C8 SAH F . 6.01 -0.41 -10.05
N7 SAH F . 4.97 -0.78 -10.85
C5 SAH F . 5.13 -2.09 -11.13
C6 SAH F . 4.39 -3.09 -11.91
N6 SAH F . 3.25 -2.77 -12.58
N1 SAH F . 4.91 -4.34 -11.94
C2 SAH F . 6.04 -4.68 -11.29
N3 SAH F . 6.75 -3.81 -10.56
C4 SAH F . 6.35 -2.52 -10.44
C ACT G . -3.36 -10.00 -10.67
O ACT G . -2.74 -8.93 -10.95
OXT ACT G . -3.17 -11.05 -11.38
CH3 ACT G . -4.31 -10.04 -9.53
#